data_2B2Y
#
_entry.id   2B2Y
#
_cell.length_a   112.270
_cell.length_b   55.031
_cell.length_c   101.550
_cell.angle_alpha   90.00
_cell.angle_beta   112.42
_cell.angle_gamma   90.00
#
_symmetry.space_group_name_H-M   'C 1 2 1'
#
loop_
_entity.id
_entity.type
_entity.pdbx_description
1 polymer 'Chromodomain-helicase-DNA-binding protein 1'
2 polymer 'Chromodomain-helicase-DNA-binding protein 1'
3 water water
#
loop_
_entity_poly.entity_id
_entity_poly.type
_entity_poly.pdbx_seq_one_letter_code
_entity_poly.pdbx_strand_id
1 'polypeptide(L)'
;MKKHHHHHHEEEFETIERFMDCRIGRKGATGATTTIYAVEADGDPNAGFEKNKEPGEIQYLIKWKGWSHIHNTWETEETL
KQQNVRGMKKLDNYKKKDQETKRWLKNASPEDVEYYNCQQELTDDLHKQYQIVGRIIAHSNQKSAAGYPDYYCKWQGLPY
SECSWEDGALISKKFQACIDEYFSRKK
;
A,B
2 'polypeptide(L)'
;MKKHHHHHHEEEFETIERFMDCRIGRKGATGATTTIYAVEADGDPNAGFEKNKEPGEIQYLIKWKGWSHIHNTWETEETL
KQQNVRGMKKLDNYKKKDQETKRWLKNASPEDVEY
;
C
#
# COMPACT_ATOMS: atom_id res chain seq x y z
N GLU A 12 -8.64 -9.32 -16.54
CA GLU A 12 -8.73 -10.65 -15.87
C GLU A 12 -7.38 -11.38 -15.89
N PHE A 13 -6.34 -10.68 -16.34
CA PHE A 13 -5.00 -11.25 -16.35
C PHE A 13 -4.27 -10.66 -15.16
N GLU A 14 -3.79 -11.52 -14.27
CA GLU A 14 -3.09 -11.05 -13.10
C GLU A 14 -1.89 -10.19 -13.49
N THR A 15 -1.38 -9.42 -12.55
CA THR A 15 -0.24 -8.57 -12.82
C THR A 15 0.80 -8.76 -11.72
N ILE A 16 2.05 -8.82 -12.12
CA ILE A 16 3.14 -9.01 -11.16
C ILE A 16 3.45 -7.65 -10.59
N GLU A 17 3.35 -7.52 -9.27
CA GLU A 17 3.65 -6.24 -8.67
C GLU A 17 5.10 -6.26 -8.19
N ARG A 18 5.49 -7.32 -7.49
CA ARG A 18 6.87 -7.41 -7.03
C ARG A 18 7.38 -8.81 -6.76
N PHE A 19 8.66 -9.00 -7.02
CA PHE A 19 9.35 -10.26 -6.78
C PHE A 19 9.83 -10.24 -5.34
N MET A 20 9.27 -11.12 -4.52
CA MET A 20 9.62 -11.16 -3.11
C MET A 20 10.81 -12.05 -2.76
N ASP A 21 10.97 -13.15 -3.48
CA ASP A 21 12.08 -14.05 -3.19
C ASP A 21 12.31 -15.06 -4.31
N CYS A 22 13.38 -15.81 -4.19
CA CYS A 22 13.75 -16.81 -5.18
C CYS A 22 14.22 -18.08 -4.46
N ARG A 23 13.99 -19.23 -5.07
CA ARG A 23 14.41 -20.50 -4.48
C ARG A 23 14.47 -21.63 -5.51
N ILE A 24 15.09 -22.74 -5.13
CA ILE A 24 15.06 -23.89 -6.01
C ILE A 24 14.16 -24.78 -5.19
N GLY A 25 13.15 -25.37 -5.82
CA GLY A 25 12.25 -26.22 -5.09
C GLY A 25 11.72 -27.30 -5.98
N ARG A 26 10.93 -28.20 -5.41
CA ARG A 26 10.37 -29.31 -6.15
C ARG A 26 9.66 -28.84 -7.40
N LYS A 27 9.79 -29.62 -8.47
CA LYS A 27 9.13 -29.30 -9.72
C LYS A 27 7.64 -29.40 -9.48
N GLY A 28 6.88 -28.42 -9.95
CA GLY A 28 5.44 -28.46 -9.76
C GLY A 28 4.94 -27.83 -8.47
N ALA A 29 5.86 -27.37 -7.63
CA ALA A 29 5.46 -26.75 -6.37
C ALA A 29 5.24 -25.26 -6.66
N THR A 30 4.21 -24.96 -7.44
CA THR A 30 3.91 -23.59 -7.80
C THR A 30 2.42 -23.28 -7.88
N GLY A 31 2.11 -21.98 -7.82
CA GLY A 31 0.76 -21.45 -7.91
C GLY A 31 -0.38 -22.01 -7.09
N ALA A 32 -1.12 -21.13 -6.45
CA ALA A 32 -2.29 -21.52 -5.65
C ALA A 32 -2.34 -22.65 -4.63
N THR A 33 -1.30 -23.46 -4.56
CA THR A 33 -1.32 -24.56 -3.61
C THR A 33 -0.06 -24.20 -2.82
N THR A 34 0.58 -23.09 -3.20
CA THR A 34 1.77 -22.64 -2.50
C THR A 34 1.52 -21.41 -1.65
N THR A 35 0.28 -20.91 -1.62
CA THR A 35 -0.01 -19.75 -0.77
C THR A 35 0.11 -20.18 0.68
N ILE A 36 0.59 -19.27 1.53
CA ILE A 36 0.76 -19.54 2.96
C ILE A 36 -0.48 -20.24 3.56
N TYR A 37 -1.68 -19.92 3.09
CA TYR A 37 -2.86 -20.56 3.64
C TYR A 37 -3.25 -21.88 2.97
N ALA A 38 -2.79 -22.09 1.74
CA ALA A 38 -3.11 -23.35 1.07
C ALA A 38 -2.20 -24.39 1.74
N VAL A 39 -0.99 -23.95 2.08
CA VAL A 39 0.01 -24.78 2.73
C VAL A 39 -0.46 -25.19 4.12
N GLU A 40 -1.00 -24.24 4.88
CA GLU A 40 -1.49 -24.50 6.24
C GLU A 40 -2.70 -25.45 6.24
N ALA A 41 -3.52 -25.39 5.20
CA ALA A 41 -4.71 -26.22 5.13
C ALA A 41 -4.48 -27.61 4.54
N ASP A 42 -3.59 -27.72 3.57
CA ASP A 42 -3.35 -29.01 2.92
C ASP A 42 -1.90 -29.48 2.88
N GLY A 43 -0.98 -28.67 3.39
CA GLY A 43 0.41 -29.04 3.39
C GLY A 43 1.18 -28.42 2.25
N ASP A 44 2.48 -28.25 2.45
CA ASP A 44 3.36 -27.64 1.46
C ASP A 44 3.76 -28.59 0.33
N PRO A 45 3.43 -28.24 -0.93
CA PRO A 45 3.80 -29.10 -2.05
C PRO A 45 5.31 -29.20 -2.22
N ASN A 46 6.03 -28.41 -1.42
CA ASN A 46 7.49 -28.38 -1.44
C ASN A 46 7.97 -29.01 -0.12
N ALA A 47 7.05 -29.67 0.57
CA ALA A 47 7.31 -30.31 1.86
C ALA A 47 8.44 -31.19 2.43
N GLY A 48 8.91 -32.13 1.61
CA GLY A 48 10.19 -32.79 1.79
C GLY A 48 11.38 -32.35 0.95
N PHE A 49 11.31 -31.15 0.37
CA PHE A 49 12.41 -30.67 -0.44
C PHE A 49 13.45 -30.09 0.50
N GLU A 50 14.69 -30.48 0.28
CA GLU A 50 15.78 -30.01 1.10
C GLU A 50 16.60 -29.34 0.01
N ASN A 52 18.48 -31.66 -1.97
CA ASN A 52 19.64 -32.56 -2.03
C ASN A 52 18.72 -33.78 -2.18
N LYS A 53 19.02 -34.61 -3.18
CA LYS A 53 18.30 -35.84 -3.53
C LYS A 53 17.10 -35.82 -4.47
N GLU A 54 16.63 -34.70 -4.91
CA GLU A 54 15.56 -34.65 -5.91
C GLU A 54 16.02 -33.37 -6.58
N PRO A 55 16.21 -33.38 -7.91
CA PRO A 55 16.66 -32.19 -8.66
C PRO A 55 15.64 -31.04 -8.60
N GLY A 56 16.15 -29.80 -8.56
CA GLY A 56 15.29 -28.65 -8.47
C GLY A 56 14.81 -27.93 -9.72
N GLU A 57 14.11 -26.82 -9.49
CA GLU A 57 13.54 -25.98 -10.54
C GLU A 57 13.47 -24.59 -9.93
N ILE A 58 14.18 -23.61 -10.49
CA ILE A 58 14.18 -22.24 -9.93
C ILE A 58 12.77 -21.63 -9.90
N GLN A 59 12.38 -21.13 -8.74
CA GLN A 59 11.05 -20.56 -8.57
C GLN A 59 11.13 -19.19 -7.93
N TYR A 60 10.14 -18.34 -8.25
CA TYR A 60 10.08 -16.97 -7.76
C TYR A 60 8.84 -16.69 -6.93
N LEU A 61 9.01 -16.03 -5.78
CA LEU A 61 7.86 -15.70 -4.92
C LEU A 61 7.27 -14.38 -5.43
N ILE A 62 5.99 -14.41 -5.77
CA ILE A 62 5.37 -13.24 -6.32
C ILE A 62 4.24 -12.55 -5.57
N LYS A 63 4.38 -11.23 -5.47
CA LYS A 63 3.38 -10.36 -4.86
C LYS A 63 2.58 -9.86 -6.04
N TRP A 64 1.30 -10.21 -6.07
CA TRP A 64 0.41 -9.84 -7.16
C TRP A 64 -0.28 -8.51 -6.97
N LYS A 65 -0.47 -7.80 -8.07
CA LYS A 65 -1.13 -6.49 -8.06
C LYS A 65 -2.57 -6.64 -7.58
N GLY A 66 -2.98 -5.79 -6.64
CA GLY A 66 -4.34 -5.87 -6.13
C GLY A 66 -4.65 -6.99 -5.15
N TRP A 67 -3.65 -7.79 -4.77
CA TRP A 67 -3.86 -8.87 -3.80
C TRP A 67 -2.85 -8.70 -2.68
N SER A 68 -3.26 -8.96 -1.46
CA SER A 68 -2.37 -8.77 -0.33
C SER A 68 -1.34 -9.88 -0.24
N HIS A 69 -0.22 -9.62 0.44
CA HIS A 69 0.87 -10.59 0.60
C HIS A 69 0.51 -12.03 1.03
N ILE A 70 -0.67 -12.21 1.58
CA ILE A 70 -1.09 -13.53 2.03
C ILE A 70 -1.41 -14.39 0.79
N HIS A 71 -1.53 -13.73 -0.35
CA HIS A 71 -1.84 -14.40 -1.61
C HIS A 71 -0.60 -14.58 -2.48
N ASN A 72 0.58 -14.36 -1.91
CA ASN A 72 1.80 -14.56 -2.67
C ASN A 72 1.90 -16.05 -3.07
N THR A 73 2.44 -16.32 -4.25
CA THR A 73 2.58 -17.70 -4.70
C THR A 73 3.95 -17.84 -5.35
N TRP A 74 4.48 -19.06 -5.38
CA TRP A 74 5.75 -19.32 -6.05
C TRP A 74 5.39 -19.69 -7.47
N GLU A 75 6.25 -19.33 -8.41
CA GLU A 75 6.03 -19.57 -9.84
C GLU A 75 7.34 -19.71 -10.59
N THR A 76 7.25 -20.15 -11.85
CA THR A 76 8.44 -20.28 -12.68
C THR A 76 8.20 -19.41 -13.90
N GLU A 77 9.28 -19.13 -14.63
CA GLU A 77 9.20 -18.34 -15.83
C GLU A 77 8.07 -18.92 -16.70
N GLU A 78 8.00 -20.25 -16.73
CA GLU A 78 6.99 -20.93 -17.53
C GLU A 78 5.55 -20.77 -17.06
N THR A 79 5.27 -21.01 -15.79
CA THR A 79 3.89 -20.87 -15.34
C THR A 79 3.45 -19.43 -15.53
N LEU A 80 4.38 -18.50 -15.35
CA LEU A 80 4.09 -17.09 -15.56
C LEU A 80 3.52 -16.89 -16.96
N LYS A 81 4.28 -17.35 -17.97
CA LYS A 81 3.88 -17.24 -19.37
C LYS A 81 2.58 -17.98 -19.66
N GLN A 82 2.48 -19.20 -19.17
CA GLN A 82 1.28 -19.99 -19.38
C GLN A 82 0.02 -19.28 -18.93
N GLN A 83 0.13 -18.49 -17.88
CA GLN A 83 -1.02 -17.77 -17.36
C GLN A 83 -1.17 -16.39 -17.99
N ASN A 84 -0.33 -16.10 -18.97
CA ASN A 84 -0.37 -14.82 -19.66
C ASN A 84 -0.45 -13.67 -18.65
N VAL A 85 0.44 -13.64 -17.67
CA VAL A 85 0.39 -12.57 -16.70
C VAL A 85 1.05 -11.29 -17.23
N ARG A 86 0.74 -10.16 -16.60
CA ARG A 86 1.32 -8.89 -17.00
C ARG A 86 2.50 -8.55 -16.08
N GLY A 87 3.40 -7.69 -16.54
CA GLY A 87 4.54 -7.32 -15.72
C GLY A 87 5.78 -8.17 -15.95
N MET A 88 5.70 -9.09 -16.93
CA MET A 88 6.84 -9.95 -17.25
C MET A 88 8.19 -9.24 -17.31
N LYS A 89 8.18 -7.96 -17.66
CA LYS A 89 9.42 -7.21 -17.74
C LYS A 89 10.13 -7.22 -16.38
N LYS A 90 9.35 -7.27 -15.31
CA LYS A 90 9.93 -7.28 -13.98
C LYS A 90 10.76 -8.52 -13.73
N LEU A 91 10.39 -9.63 -14.36
CA LEU A 91 11.14 -10.85 -14.21
C LEU A 91 12.52 -10.62 -14.83
N ASP A 92 12.55 -9.96 -15.98
CA ASP A 92 13.83 -9.72 -16.63
C ASP A 92 14.70 -8.81 -15.80
N ASN A 93 14.10 -7.76 -15.23
CA ASN A 93 14.87 -6.85 -14.39
C ASN A 93 15.34 -7.60 -13.16
N TYR A 94 14.48 -8.40 -12.56
CA TYR A 94 14.89 -9.13 -11.37
C TYR A 94 16.11 -10.03 -11.65
N LYS A 95 16.08 -10.73 -12.77
CA LYS A 95 17.19 -11.62 -13.09
C LYS A 95 18.48 -10.84 -13.27
N LYS A 96 18.39 -9.67 -13.88
CA LYS A 96 19.59 -8.89 -14.10
C LYS A 96 20.12 -8.29 -12.80
N LYS A 97 19.22 -7.93 -11.90
CA LYS A 97 19.63 -7.36 -10.63
C LYS A 97 20.26 -8.46 -9.79
N ASP A 98 19.69 -9.66 -9.82
CA ASP A 98 20.24 -10.78 -9.07
C ASP A 98 21.70 -11.07 -9.52
N GLN A 99 21.93 -11.14 -10.82
CA GLN A 99 23.29 -11.38 -11.31
C GLN A 99 24.27 -10.28 -10.89
N GLU A 100 23.82 -9.03 -10.89
CA GLU A 100 24.71 -7.93 -10.51
C GLU A 100 25.15 -8.12 -9.06
N THR A 101 24.19 -8.40 -8.19
CA THR A 101 24.48 -8.61 -6.78
C THR A 101 25.43 -9.81 -6.60
N LYS A 102 25.10 -10.94 -7.22
CA LYS A 102 25.94 -12.12 -7.13
C LYS A 102 27.38 -11.77 -7.51
N ARG A 103 27.50 -10.97 -8.56
CA ARG A 103 28.82 -10.57 -9.02
C ARG A 103 29.51 -9.60 -8.09
N TRP A 104 28.80 -8.56 -7.63
CA TRP A 104 29.40 -7.58 -6.73
C TRP A 104 29.76 -8.18 -5.39
N LEU A 105 29.46 -9.45 -5.23
CA LEU A 105 29.81 -10.16 -4.02
C LEU A 105 30.90 -11.15 -4.42
N LYS A 106 31.65 -10.78 -5.46
CA LYS A 106 32.76 -11.54 -6.01
C LYS A 106 33.74 -12.20 -5.06
N ASN A 107 34.33 -11.39 -4.22
CA ASN A 107 35.25 -11.86 -3.21
C ASN A 107 34.40 -11.40 -2.04
N ALA A 108 34.50 -10.11 -1.72
CA ALA A 108 33.76 -9.54 -0.62
C ALA A 108 34.18 -10.25 0.67
N SER A 109 34.82 -9.50 1.56
CA SER A 109 35.28 -10.05 2.83
C SER A 109 34.18 -10.82 3.54
N PRO A 110 34.56 -11.72 4.45
CA PRO A 110 33.58 -12.51 5.19
C PRO A 110 32.69 -11.51 5.95
N GLU A 111 33.27 -10.34 6.16
CA GLU A 111 32.62 -9.23 6.84
C GLU A 111 31.44 -8.76 5.97
N ASP A 112 31.67 -8.69 4.66
CA ASP A 112 30.63 -8.27 3.71
C ASP A 112 29.58 -9.36 3.55
N VAL A 113 30.02 -10.62 3.52
CA VAL A 113 29.10 -11.72 3.38
C VAL A 113 28.29 -11.82 4.68
N GLU A 114 28.95 -11.52 5.79
CA GLU A 114 28.31 -11.55 7.10
C GLU A 114 27.23 -10.48 7.18
N TYR A 115 27.54 -9.29 6.69
CA TYR A 115 26.60 -8.20 6.70
C TYR A 115 25.42 -8.55 5.80
N TYR A 116 25.74 -9.05 4.61
CA TYR A 116 24.73 -9.42 3.64
C TYR A 116 23.73 -10.39 4.26
N ASN A 117 24.22 -11.52 4.78
CA ASN A 117 23.32 -12.50 5.39
C ASN A 117 22.49 -11.92 6.52
N CYS A 118 23.11 -11.13 7.39
CA CYS A 118 22.36 -10.55 8.50
C CYS A 118 21.21 -9.68 8.00
N GLN A 119 21.52 -8.75 7.09
CA GLN A 119 20.48 -7.86 6.54
C GLN A 119 19.39 -8.60 5.79
N GLN A 120 19.80 -9.57 4.96
CA GLN A 120 18.86 -10.35 4.17
C GLN A 120 17.91 -11.11 5.10
N GLU A 121 18.34 -11.38 6.31
CA GLU A 121 17.49 -12.10 7.25
C GLU A 121 16.48 -11.16 7.91
N LEU A 122 16.88 -9.93 8.17
CA LEU A 122 15.98 -8.95 8.76
C LEU A 122 14.84 -8.66 7.79
N THR A 123 15.17 -8.43 6.52
CA THR A 123 14.14 -8.14 5.53
C THR A 123 13.24 -9.35 5.27
N ASP A 124 13.79 -10.55 5.40
CA ASP A 124 13.00 -11.75 5.17
C ASP A 124 11.93 -11.89 6.23
N ASP A 125 12.28 -11.61 7.48
CA ASP A 125 11.31 -11.69 8.57
C ASP A 125 10.28 -10.59 8.34
N LEU A 126 10.75 -9.40 7.97
CA LEU A 126 9.89 -8.26 7.69
C LEU A 126 8.75 -8.66 6.79
N HIS A 127 9.11 -9.22 5.64
CA HIS A 127 8.17 -9.67 4.62
C HIS A 127 7.19 -10.70 5.12
N LYS A 128 7.62 -11.62 5.99
CA LYS A 128 6.71 -12.62 6.52
C LYS A 128 5.59 -11.94 7.31
N GLN A 129 5.90 -10.85 7.99
CA GLN A 129 4.88 -10.15 8.76
C GLN A 129 3.79 -9.54 7.92
N TYR A 130 4.06 -9.24 6.65
CA TYR A 130 3.05 -8.66 5.76
C TYR A 130 1.89 -9.65 5.63
N GLN A 131 2.16 -10.91 5.96
CA GLN A 131 1.12 -11.94 5.89
C GLN A 131 0.33 -12.14 7.20
N ILE A 132 0.73 -11.52 8.31
CA ILE A 132 -0.06 -11.70 9.52
C ILE A 132 -0.97 -10.49 9.87
N VAL A 133 -2.23 -10.79 10.13
CA VAL A 133 -3.18 -9.76 10.47
C VAL A 133 -2.81 -9.15 11.82
N GLY A 134 -2.59 -7.84 11.83
CA GLY A 134 -2.24 -7.18 13.08
C GLY A 134 -3.47 -6.65 13.79
N ARG A 135 -4.56 -6.45 13.06
CA ARG A 135 -5.79 -5.95 13.64
C ARG A 135 -6.91 -5.94 12.60
N ILE A 136 -8.13 -6.29 13.01
CA ILE A 136 -9.29 -6.28 12.14
C ILE A 136 -9.96 -4.93 12.39
N ILE A 137 -10.28 -4.23 11.31
CA ILE A 137 -10.84 -2.89 11.39
C ILE A 137 -12.33 -2.77 11.08
N ALA A 138 -12.87 -3.73 10.33
CA ALA A 138 -14.29 -3.70 9.99
C ALA A 138 -14.72 -5.03 9.39
N HIS A 139 -16.01 -5.16 9.13
CA HIS A 139 -16.52 -6.37 8.50
C HIS A 139 -17.69 -6.04 7.58
N SER A 140 -18.07 -6.98 6.74
CA SER A 140 -19.14 -6.75 5.79
C SER A 140 -20.52 -7.10 6.31
N ASN A 141 -21.51 -6.42 5.75
CA ASN A 141 -22.89 -6.61 6.11
C ASN A 141 -23.38 -7.92 5.52
N GLN A 142 -22.86 -8.25 4.35
CA GLN A 142 -23.26 -9.48 3.67
C GLN A 142 -22.38 -10.66 4.09
N LYS A 143 -23.02 -11.81 4.30
CA LYS A 143 -22.30 -13.01 4.68
C LYS A 143 -22.30 -14.04 3.56
N SER A 144 -21.34 -14.95 3.60
CA SER A 144 -21.24 -16.02 2.61
C SER A 144 -22.31 -17.06 2.94
N ALA A 145 -22.46 -18.05 2.07
CA ALA A 145 -23.44 -19.10 2.32
C ALA A 145 -23.04 -19.81 3.61
N ALA A 146 -21.73 -19.85 3.88
CA ALA A 146 -21.19 -20.47 5.08
C ALA A 146 -21.35 -19.60 6.32
N GLY A 147 -21.95 -18.43 6.15
CA GLY A 147 -22.18 -17.54 7.27
C GLY A 147 -20.98 -16.70 7.69
N TYR A 148 -20.06 -16.49 6.77
CA TYR A 148 -18.86 -15.69 7.03
C TYR A 148 -18.93 -14.32 6.37
N PRO A 149 -18.57 -13.26 7.12
CA PRO A 149 -18.59 -11.92 6.55
C PRO A 149 -17.15 -11.67 6.11
N ASP A 150 -16.91 -10.64 5.32
CA ASP A 150 -15.53 -10.37 4.93
C ASP A 150 -14.95 -9.43 5.97
N TYR A 151 -13.63 -9.42 6.10
CA TYR A 151 -13.00 -8.55 7.09
C TYR A 151 -12.01 -7.58 6.50
N TYR A 152 -12.02 -6.36 7.02
CA TYR A 152 -11.06 -5.34 6.58
C TYR A 152 -9.85 -5.53 7.48
N CYS A 153 -8.74 -5.97 6.90
CA CYS A 153 -7.55 -6.26 7.67
C CYS A 153 -6.40 -5.28 7.58
N LYS A 154 -5.77 -5.05 8.72
CA LYS A 154 -4.59 -4.20 8.80
C LYS A 154 -3.43 -5.19 8.98
N TRP A 155 -2.45 -5.14 8.09
CA TRP A 155 -1.32 -6.06 8.15
C TRP A 155 -0.13 -5.55 8.94
N GLN A 156 0.53 -6.45 9.64
CA GLN A 156 1.69 -6.07 10.42
C GLN A 156 2.78 -5.54 9.50
N GLY A 157 3.38 -4.43 9.88
CA GLY A 157 4.47 -3.90 9.08
C GLY A 157 4.08 -3.05 7.90
N LEU A 158 2.79 -2.89 7.64
CA LEU A 158 2.36 -2.06 6.51
C LEU A 158 1.40 -0.96 6.98
N PRO A 159 1.45 0.21 6.33
CA PRO A 159 0.57 1.32 6.71
C PRO A 159 -0.88 1.02 6.34
N TYR A 160 -1.81 1.75 6.93
CA TYR A 160 -3.22 1.57 6.69
C TYR A 160 -3.68 1.64 5.25
N SER A 161 -2.86 2.27 4.41
CA SER A 161 -3.21 2.37 2.99
C SER A 161 -3.06 0.98 2.35
N GLU A 162 -2.54 0.02 3.12
CA GLU A 162 -2.36 -1.35 2.64
C GLU A 162 -3.41 -2.33 3.17
N CYS A 163 -4.40 -1.81 3.89
CA CYS A 163 -5.45 -2.66 4.44
C CYS A 163 -6.26 -3.23 3.27
N SER A 164 -6.81 -4.44 3.42
CA SER A 164 -7.62 -5.01 2.35
C SER A 164 -8.75 -5.87 2.89
N TRP A 165 -9.79 -6.02 2.10
CA TRP A 165 -10.91 -6.85 2.49
C TRP A 165 -10.55 -8.31 2.23
N GLU A 166 -10.87 -9.19 3.18
CA GLU A 166 -10.55 -10.61 3.03
C GLU A 166 -11.70 -11.52 3.37
N ASP A 167 -11.79 -12.63 2.64
CA ASP A 167 -12.82 -13.63 2.84
C ASP A 167 -12.75 -14.05 4.29
N GLY A 168 -13.91 -14.08 4.96
CA GLY A 168 -13.93 -14.47 6.34
C GLY A 168 -13.47 -15.90 6.59
N ALA A 169 -13.90 -16.83 5.74
CA ALA A 169 -13.52 -18.22 5.92
C ALA A 169 -12.02 -18.36 5.96
N LEU A 170 -11.34 -17.50 5.21
CA LEU A 170 -9.90 -17.50 5.12
C LEU A 170 -9.11 -17.10 6.37
N ILE A 171 -9.28 -15.87 6.84
CA ILE A 171 -8.53 -15.43 8.01
C ILE A 171 -8.99 -16.04 9.33
N SER A 172 -10.18 -16.62 9.34
CA SER A 172 -10.68 -17.23 10.57
C SER A 172 -9.84 -18.45 10.89
N LYS A 173 -9.31 -19.07 9.83
CA LYS A 173 -8.49 -20.25 9.97
C LYS A 173 -7.28 -20.01 10.86
N LYS A 174 -6.66 -18.85 10.69
CA LYS A 174 -5.45 -18.55 11.44
C LYS A 174 -5.57 -17.35 12.37
N PHE A 175 -6.49 -16.43 12.09
CA PHE A 175 -6.63 -15.21 12.89
C PHE A 175 -7.98 -15.06 13.60
N GLN A 176 -8.49 -16.14 14.17
CA GLN A 176 -9.77 -16.09 14.87
C GLN A 176 -9.67 -15.14 16.09
N ALA A 177 -8.47 -15.03 16.64
CA ALA A 177 -8.25 -14.16 17.79
C ALA A 177 -8.46 -12.69 17.43
N CYS A 178 -7.98 -12.28 16.26
CA CYS A 178 -8.15 -10.89 15.86
C CYS A 178 -9.61 -10.61 15.63
N ILE A 179 -10.31 -11.58 15.07
CA ILE A 179 -11.74 -11.44 14.84
C ILE A 179 -12.43 -11.33 16.20
N ASP A 180 -12.20 -12.28 17.09
CA ASP A 180 -12.83 -12.22 18.41
C ASP A 180 -12.58 -10.87 19.09
N GLU A 181 -11.35 -10.39 19.09
CA GLU A 181 -11.07 -9.11 19.74
C GLU A 181 -11.80 -7.96 19.06
N TYR A 182 -11.89 -8.00 17.74
CA TYR A 182 -12.59 -6.95 17.01
C TYR A 182 -14.01 -6.82 17.55
N PHE A 183 -14.75 -7.93 17.59
CA PHE A 183 -16.12 -7.89 18.09
C PHE A 183 -16.19 -7.56 19.57
N SER A 184 -15.17 -7.95 20.33
CA SER A 184 -15.18 -7.68 21.76
C SER A 184 -14.97 -6.20 22.05
N ARG A 185 -14.21 -5.51 21.21
CA ARG A 185 -13.96 -4.09 21.43
C ARG A 185 -15.25 -3.26 21.29
N LYS A 186 -16.32 -3.91 20.85
CA LYS A 186 -17.60 -3.22 20.72
C LYS A 186 -18.85 -3.34 21.60
N LYS A 187 -19.03 -4.23 22.44
CA LYS A 187 -20.08 -4.21 23.46
C LYS A 187 -19.36 -5.22 24.35
N GLU B 11 11.66 11.79 -25.91
CA GLU B 11 10.35 11.20 -25.52
C GLU B 11 10.47 10.37 -24.24
N GLU B 12 11.23 10.89 -23.27
CA GLU B 12 11.42 10.20 -22.00
C GLU B 12 10.21 10.44 -21.09
N PHE B 13 9.73 9.38 -20.45
CA PHE B 13 8.58 9.50 -19.57
C PHE B 13 8.90 8.85 -18.23
N GLU B 14 8.43 9.46 -17.15
CA GLU B 14 8.65 8.91 -15.83
C GLU B 14 7.36 8.21 -15.46
N THR B 15 7.43 7.25 -14.55
CA THR B 15 6.23 6.53 -14.15
C THR B 15 6.15 6.33 -12.63
N ILE B 16 4.94 6.44 -12.10
CA ILE B 16 4.71 6.30 -10.67
C ILE B 16 4.77 4.87 -10.18
N GLU B 17 5.67 4.60 -9.25
CA GLU B 17 5.77 3.27 -8.68
C GLU B 17 4.82 3.19 -7.47
N ARG B 18 5.00 4.10 -6.52
CA ARG B 18 4.15 4.13 -5.33
C ARG B 18 3.93 5.50 -4.68
N PHE B 19 2.72 5.68 -4.15
CA PHE B 19 2.34 6.89 -3.45
C PHE B 19 2.77 6.69 -1.98
N MET B 20 3.71 7.49 -1.52
CA MET B 20 4.20 7.34 -0.15
C MET B 20 3.44 8.15 0.88
N ASP B 21 2.95 9.33 0.49
CA ASP B 21 2.22 10.21 1.41
C ASP B 21 1.47 11.34 0.69
N CYS B 22 0.69 12.09 1.45
CA CYS B 22 -0.08 13.24 0.93
C CYS B 22 -0.11 14.34 2.01
N ARG B 23 -0.20 15.58 1.57
CA ARG B 23 -0.23 16.72 2.50
C ARG B 23 -0.82 17.93 1.78
N ILE B 24 -1.13 18.97 2.54
CA ILE B 24 -1.60 20.20 1.94
C ILE B 24 -0.34 21.05 2.02
N GLY B 25 0.09 21.62 0.90
CA GLY B 25 1.28 22.43 0.89
C GLY B 25 1.23 23.64 -0.05
N ARG B 26 2.07 24.62 0.26
CA ARG B 26 2.18 25.85 -0.52
C ARG B 26 2.21 25.51 -2.01
N LYS B 27 1.44 26.25 -2.81
CA LYS B 27 1.40 26.04 -4.25
C LYS B 27 2.81 26.14 -4.80
N GLY B 28 3.13 25.32 -5.79
CA GLY B 28 4.44 25.34 -6.40
C GLY B 28 5.53 24.59 -5.64
N ALA B 29 5.23 24.21 -4.39
CA ALA B 29 6.20 23.48 -3.60
C ALA B 29 6.12 22.02 -4.02
N THR B 30 6.48 21.75 -5.27
CA THR B 30 6.45 20.41 -5.84
C THR B 30 7.57 20.25 -6.85
N GLY B 31 7.93 19.00 -7.12
CA GLY B 31 8.97 18.71 -8.10
C GLY B 31 10.38 18.53 -7.57
N ALA B 32 11.34 18.66 -8.48
CA ALA B 32 12.76 18.50 -8.20
C ALA B 32 13.30 19.15 -6.94
N THR B 33 12.88 20.39 -6.67
CA THR B 33 13.39 21.09 -5.49
C THR B 33 12.82 20.55 -4.19
N THR B 34 12.01 19.50 -4.30
CA THR B 34 11.42 18.91 -3.10
C THR B 34 12.08 17.60 -2.71
N THR B 35 13.17 17.23 -3.39
CA THR B 35 13.88 16.00 -3.02
C THR B 35 14.62 16.29 -1.73
N ILE B 36 14.74 15.29 -0.87
CA ILE B 36 15.42 15.48 0.41
C ILE B 36 16.82 16.07 0.26
N TYR B 37 17.49 15.80 -0.86
CA TYR B 37 18.83 16.35 -1.06
C TYR B 37 18.83 17.77 -1.62
N ALA B 38 17.76 18.13 -2.33
CA ALA B 38 17.66 19.48 -2.87
C ALA B 38 17.30 20.37 -1.70
N VAL B 39 16.51 19.82 -0.79
CA VAL B 39 16.08 20.53 0.41
C VAL B 39 17.27 20.88 1.28
N GLU B 40 18.05 19.85 1.63
CA GLU B 40 19.24 20.03 2.46
C GLU B 40 20.17 21.03 1.75
N ALA B 41 20.27 20.92 0.44
CA ALA B 41 21.11 21.82 -0.34
C ALA B 41 20.64 23.28 -0.34
N ASP B 42 19.45 23.52 -0.91
CA ASP B 42 18.93 24.87 -1.03
C ASP B 42 17.78 25.30 -0.12
N GLY B 43 17.13 24.34 0.54
CA GLY B 43 16.02 24.69 1.43
C GLY B 43 14.69 24.15 0.94
N ASP B 44 13.73 24.01 1.87
CA ASP B 44 12.41 23.47 1.54
C ASP B 44 11.37 24.51 1.12
N PRO B 45 10.91 24.45 -0.13
CA PRO B 45 9.92 25.33 -0.76
C PRO B 45 8.57 25.35 -0.06
N ASN B 46 8.46 24.58 1.01
CA ASN B 46 7.22 24.49 1.79
C ASN B 46 7.54 24.86 3.22
N ALA B 47 8.73 25.44 3.41
CA ALA B 47 9.26 25.86 4.71
C ALA B 47 8.25 25.98 5.86
N GLY B 48 7.66 27.16 6.01
CA GLY B 48 6.70 27.37 7.08
C GLY B 48 5.32 27.76 6.59
N PHE B 49 4.83 27.04 5.59
CA PHE B 49 3.53 27.27 4.99
C PHE B 49 2.39 27.19 6.02
N GLU B 50 1.32 27.94 5.78
CA GLU B 50 0.18 27.99 6.68
C GLU B 50 -1.19 28.01 5.99
N LYS B 51 -2.23 27.98 6.83
CA LYS B 51 -3.63 28.00 6.39
C LYS B 51 -3.84 27.71 4.91
N LYS B 53 -3.34 31.85 5.43
CA LYS B 53 -2.17 32.67 5.11
C LYS B 53 -1.92 32.69 3.60
N GLU B 54 -2.12 31.56 2.94
CA GLU B 54 -1.91 31.46 1.50
C GLU B 54 -2.60 30.25 0.88
N PRO B 55 -2.76 30.26 -0.45
CA PRO B 55 -3.42 29.14 -1.15
C PRO B 55 -2.85 27.78 -0.76
N GLY B 56 -3.75 26.83 -0.54
CA GLY B 56 -3.34 25.47 -0.19
C GLY B 56 -3.29 24.63 -1.44
N GLU B 57 -2.97 23.36 -1.28
CA GLU B 57 -2.87 22.46 -2.43
C GLU B 57 -2.55 21.06 -1.92
N ILE B 58 -3.32 20.07 -2.35
CA ILE B 58 -3.08 18.69 -1.92
C ILE B 58 -1.93 18.13 -2.77
N GLN B 59 -0.85 17.74 -2.10
CA GLN B 59 0.32 17.21 -2.80
C GLN B 59 0.59 15.79 -2.37
N TYR B 60 1.19 15.01 -3.26
CA TYR B 60 1.50 13.61 -3.01
C TYR B 60 2.98 13.35 -3.14
N LEU B 61 3.52 12.56 -2.23
CA LEU B 61 4.93 12.20 -2.23
C LEU B 61 5.02 10.91 -3.04
N ILE B 62 5.75 10.91 -4.15
CA ILE B 62 5.78 9.67 -4.91
C ILE B 62 7.13 9.07 -5.11
N LYS B 63 7.16 7.74 -5.08
CA LYS B 63 8.36 6.93 -5.28
C LYS B 63 8.32 6.65 -6.77
N TRP B 64 9.38 7.01 -7.47
CA TRP B 64 9.47 6.83 -8.91
C TRP B 64 10.04 5.49 -9.33
N LYS B 65 9.42 4.85 -10.33
CA LYS B 65 9.93 3.57 -10.80
C LYS B 65 11.27 3.76 -11.49
N GLY B 66 12.29 3.03 -11.04
CA GLY B 66 13.60 3.16 -11.64
C GLY B 66 14.50 4.09 -10.84
N TRP B 67 13.95 4.68 -9.79
CA TRP B 67 14.72 5.58 -8.93
C TRP B 67 14.63 5.21 -7.45
N SER B 68 15.72 5.39 -6.72
CA SER B 68 15.69 5.08 -5.30
C SER B 68 14.94 6.14 -4.50
N HIS B 69 14.49 5.76 -3.31
CA HIS B 69 13.74 6.64 -2.45
C HIS B 69 14.33 8.03 -2.21
N ILE B 70 15.64 8.19 -2.29
CA ILE B 70 16.19 9.54 -2.09
C ILE B 70 15.65 10.53 -3.13
N HIS B 71 15.07 9.99 -4.20
CA HIS B 71 14.54 10.81 -5.31
C HIS B 71 13.06 11.09 -5.26
N ASN B 72 12.37 10.65 -4.21
CA ASN B 72 10.93 10.91 -4.11
C ASN B 72 10.76 12.42 -4.13
N THR B 73 9.69 12.87 -4.77
CA THR B 73 9.40 14.28 -4.85
C THR B 73 7.93 14.46 -4.57
N TRP B 74 7.53 15.66 -4.16
CA TRP B 74 6.11 15.92 -3.94
C TRP B 74 5.54 16.40 -5.26
N GLU B 75 4.28 16.06 -5.52
CA GLU B 75 3.66 16.44 -6.78
C GLU B 75 2.17 16.64 -6.60
N THR B 76 1.56 17.24 -7.62
CA THR B 76 0.12 17.49 -7.61
C THR B 76 -0.50 16.70 -8.73
N GLU B 77 -1.81 16.49 -8.64
CA GLU B 77 -2.51 15.77 -9.68
C GLU B 77 -2.28 16.50 -11.00
N GLU B 78 -1.89 17.76 -10.89
CA GLU B 78 -1.62 18.63 -12.05
C GLU B 78 -0.20 18.50 -12.64
N THR B 79 0.82 18.56 -11.80
CA THR B 79 2.19 18.45 -12.29
C THR B 79 2.45 17.07 -12.90
N LEU B 80 1.69 16.07 -12.44
CA LEU B 80 1.82 14.72 -12.96
C LEU B 80 1.39 14.70 -14.43
N LYS B 81 0.22 15.26 -14.69
CA LYS B 81 -0.33 15.33 -16.04
C LYS B 81 0.43 16.25 -16.99
N GLN B 82 1.01 17.32 -16.47
CA GLN B 82 1.77 18.23 -17.32
C GLN B 82 3.06 17.57 -17.74
N GLN B 83 3.55 16.64 -16.92
CA GLN B 83 4.79 15.94 -17.24
C GLN B 83 4.59 14.65 -18.00
N ASN B 84 3.33 14.22 -18.11
CA ASN B 84 2.98 13.00 -18.84
C ASN B 84 3.30 11.72 -18.05
N VAL B 85 3.52 11.88 -16.75
CA VAL B 85 3.84 10.75 -15.89
C VAL B 85 2.88 9.61 -16.15
N ARG B 86 3.41 8.39 -16.22
CA ARG B 86 2.57 7.22 -16.45
C ARG B 86 2.33 6.49 -15.12
N GLY B 87 1.19 5.82 -15.03
CA GLY B 87 0.83 5.12 -13.81
C GLY B 87 -0.25 5.89 -13.08
N MET B 88 -0.73 6.95 -13.74
CA MET B 88 -1.78 7.83 -13.21
C MET B 88 -2.94 7.09 -12.57
N LYS B 89 -3.27 5.93 -13.10
CA LYS B 89 -4.38 5.14 -12.56
C LYS B 89 -4.21 4.81 -11.09
N LYS B 90 -2.98 4.89 -10.60
CA LYS B 90 -2.71 4.59 -9.21
C LYS B 90 -3.12 5.75 -8.32
N LEU B 91 -3.28 6.93 -8.93
CA LEU B 91 -3.67 8.12 -8.20
C LEU B 91 -5.12 8.02 -7.78
N ASP B 92 -5.95 7.43 -8.64
CA ASP B 92 -7.37 7.26 -8.38
C ASP B 92 -7.60 6.31 -7.19
N ASN B 93 -6.89 5.18 -7.18
CA ASN B 93 -7.03 4.20 -6.12
C ASN B 93 -6.61 4.80 -4.77
N TYR B 94 -5.44 5.44 -4.77
CA TYR B 94 -4.90 6.07 -3.58
C TYR B 94 -5.89 7.04 -2.95
N LYS B 95 -6.42 7.95 -3.76
CA LYS B 95 -7.38 8.93 -3.27
C LYS B 95 -8.56 8.19 -2.68
N LYS B 96 -9.14 7.31 -3.48
CA LYS B 96 -10.27 6.50 -3.04
C LYS B 96 -9.97 5.96 -1.63
N LYS B 97 -8.83 5.27 -1.51
CA LYS B 97 -8.40 4.67 -0.26
C LYS B 97 -8.25 5.68 0.87
N ASP B 98 -7.63 6.82 0.58
CA ASP B 98 -7.42 7.82 1.61
C ASP B 98 -8.71 8.45 2.12
N GLN B 99 -9.65 8.71 1.22
CA GLN B 99 -10.92 9.30 1.64
C GLN B 99 -11.61 8.25 2.50
N GLU B 100 -11.32 7.00 2.18
CA GLU B 100 -11.89 5.85 2.88
C GLU B 100 -11.40 5.76 4.31
N THR B 101 -10.08 5.90 4.52
CA THR B 101 -9.53 5.80 5.86
C THR B 101 -9.69 7.10 6.63
N LYS B 102 -9.70 8.22 5.91
CA LYS B 102 -9.89 9.51 6.57
C LYS B 102 -11.32 9.46 7.06
N ARG B 103 -12.15 8.78 6.27
CA ARG B 103 -13.57 8.62 6.57
C ARG B 103 -13.65 7.82 7.87
N TRP B 104 -13.33 6.54 7.80
CA TRP B 104 -13.35 5.66 8.96
C TRP B 104 -12.84 6.34 10.23
N LEU B 105 -11.84 7.18 10.05
CA LEU B 105 -11.21 7.88 11.16
C LEU B 105 -12.15 8.85 11.87
N LYS B 106 -13.15 9.33 11.16
CA LYS B 106 -14.09 10.30 11.73
C LYS B 106 -14.89 9.76 12.93
N ASN B 107 -15.22 8.48 12.92
CA ASN B 107 -15.96 7.88 14.00
C ASN B 107 -15.19 6.79 14.74
N ALA B 108 -13.90 6.65 14.41
CA ALA B 108 -13.05 5.64 15.04
C ALA B 108 -12.99 5.88 16.55
N SER B 109 -12.97 4.79 17.32
CA SER B 109 -12.90 4.92 18.77
C SER B 109 -11.52 5.44 19.20
N PRO B 110 -11.40 5.95 20.43
CA PRO B 110 -10.15 6.49 20.97
C PRO B 110 -9.02 5.46 20.96
N GLU B 111 -9.38 4.22 21.31
CA GLU B 111 -8.43 3.12 21.34
C GLU B 111 -7.93 2.83 19.91
N ASP B 112 -8.87 2.81 18.97
CA ASP B 112 -8.56 2.52 17.57
C ASP B 112 -7.74 3.63 16.92
N VAL B 113 -8.05 4.86 17.28
CA VAL B 113 -7.33 5.99 16.70
C VAL B 113 -5.90 6.00 17.21
N GLU B 114 -5.69 5.63 18.47
CA GLU B 114 -4.34 5.62 19.00
C GLU B 114 -3.48 4.53 18.37
N TYR B 115 -4.10 3.39 18.08
CA TYR B 115 -3.39 2.28 17.44
C TYR B 115 -3.00 2.73 16.03
N TYR B 116 -3.88 3.53 15.43
CA TYR B 116 -3.65 4.06 14.10
C TYR B 116 -2.46 4.99 14.08
N ASN B 117 -2.40 5.90 15.04
CA ASN B 117 -1.27 6.83 15.10
C ASN B 117 0.07 6.17 15.38
N CYS B 118 0.08 5.17 16.27
CA CYS B 118 1.34 4.48 16.59
C CYS B 118 1.89 3.75 15.39
N GLN B 119 1.03 3.04 14.69
CA GLN B 119 1.44 2.29 13.50
C GLN B 119 1.93 3.19 12.38
N GLN B 120 1.25 4.31 12.19
CA GLN B 120 1.64 5.25 11.15
C GLN B 120 2.96 5.93 11.49
N GLU B 121 3.25 6.03 12.79
CA GLU B 121 4.51 6.60 13.22
C GLU B 121 5.61 5.62 12.84
N LEU B 122 5.41 4.36 13.19
CA LEU B 122 6.36 3.29 12.90
C LEU B 122 6.62 3.25 11.41
N THR B 123 5.52 3.22 10.66
CA THR B 123 5.60 3.18 9.21
C THR B 123 6.44 4.33 8.69
N ASP B 124 6.17 5.54 9.17
CA ASP B 124 6.91 6.68 8.68
C ASP B 124 8.37 6.63 9.06
N ASP B 125 8.69 5.94 10.14
CA ASP B 125 10.09 5.81 10.50
C ASP B 125 10.75 4.90 9.47
N LEU B 126 10.15 3.74 9.20
CA LEU B 126 10.68 2.80 8.21
C LEU B 126 10.94 3.44 6.86
N HIS B 127 10.01 4.28 6.40
CA HIS B 127 10.16 4.94 5.11
C HIS B 127 11.29 5.94 5.11
N LYS B 128 11.55 6.56 6.26
CA LYS B 128 12.65 7.51 6.37
C LYS B 128 13.99 6.82 6.19
N GLN B 129 14.08 5.56 6.59
CA GLN B 129 15.33 4.82 6.45
C GLN B 129 15.69 4.56 4.99
N TYR B 130 14.69 4.26 4.15
CA TYR B 130 14.94 3.98 2.74
C TYR B 130 15.83 4.98 2.05
N GLN B 131 15.88 6.20 2.59
CA GLN B 131 16.69 7.27 2.00
C GLN B 131 18.08 7.36 2.60
N ILE B 132 18.39 6.47 3.53
CA ILE B 132 19.70 6.48 4.17
C ILE B 132 20.57 5.28 3.74
N VAL B 133 21.77 5.57 3.27
CA VAL B 133 22.69 4.52 2.88
C VAL B 133 23.11 3.67 4.08
N GLY B 134 22.96 2.35 3.94
CA GLY B 134 23.34 1.45 5.01
C GLY B 134 24.72 0.87 4.77
N ARG B 135 25.21 1.02 3.53
CA ARG B 135 26.52 0.49 3.16
C ARG B 135 26.78 0.97 1.74
N ILE B 136 27.97 0.78 1.25
CA ILE B 136 28.31 1.15 -0.12
C ILE B 136 29.02 -0.15 -0.44
N ILE B 137 28.59 -0.84 -1.50
CA ILE B 137 29.24 -2.08 -1.83
C ILE B 137 29.95 -2.13 -3.18
N ALA B 138 30.07 -0.99 -3.86
CA ALA B 138 30.77 -0.94 -5.15
C ALA B 138 30.77 0.44 -5.79
N HIS B 139 31.90 0.81 -6.39
CA HIS B 139 32.01 2.10 -7.08
C HIS B 139 32.30 1.81 -8.54
N SER B 140 32.18 2.82 -9.40
CA SER B 140 32.43 2.63 -10.83
C SER B 140 33.85 3.06 -11.20
N ASN B 141 34.33 2.51 -12.33
CA ASN B 141 35.67 2.82 -12.82
C ASN B 141 35.64 4.10 -13.65
N TYR B 148 34.23 12.36 -9.38
CA TYR B 148 33.42 11.55 -8.47
C TYR B 148 32.88 10.30 -9.14
N PRO B 149 33.14 9.12 -8.56
CA PRO B 149 32.65 7.87 -9.14
C PRO B 149 31.25 7.57 -8.57
N ASP B 150 30.45 6.81 -9.29
CA ASP B 150 29.12 6.44 -8.83
C ASP B 150 29.24 5.30 -7.81
N TYR B 151 28.28 5.17 -6.90
CA TYR B 151 28.37 4.10 -5.92
C TYR B 151 27.12 3.23 -5.88
N TYR B 152 27.33 1.93 -5.64
CA TYR B 152 26.24 0.97 -5.56
C TYR B 152 25.88 0.97 -4.07
N CYS B 153 24.72 1.51 -3.77
CA CYS B 153 24.26 1.63 -2.39
C CYS B 153 23.26 0.60 -1.91
N LYS B 154 23.52 0.10 -0.71
CA LYS B 154 22.62 -0.83 -0.04
C LYS B 154 21.82 0.16 0.80
N TRP B 155 20.50 0.18 0.64
CA TRP B 155 19.68 1.12 1.39
C TRP B 155 19.18 0.54 2.68
N GLN B 156 19.27 1.36 3.73
CA GLN B 156 18.83 0.99 5.06
C GLN B 156 17.38 0.53 5.06
N GLY B 157 17.12 -0.65 5.60
CA GLY B 157 15.76 -1.15 5.64
C GLY B 157 15.26 -1.84 4.39
N LEU B 158 16.05 -1.87 3.33
CA LEU B 158 15.61 -2.51 2.09
C LEU B 158 16.49 -3.67 1.67
N PRO B 159 15.92 -4.65 0.96
CA PRO B 159 16.59 -5.86 0.45
C PRO B 159 17.73 -5.47 -0.48
N TYR B 160 18.65 -6.40 -0.73
CA TYR B 160 19.77 -6.16 -1.62
C TYR B 160 19.29 -6.01 -3.06
N SER B 161 18.07 -6.46 -3.32
CA SER B 161 17.50 -6.36 -4.66
C SER B 161 17.09 -4.93 -4.97
N GLU B 162 17.21 -4.06 -3.97
CA GLU B 162 16.85 -2.65 -4.09
C GLU B 162 18.08 -1.74 -4.11
N CYS B 163 19.27 -2.32 -4.13
CA CYS B 163 20.47 -1.49 -4.17
C CYS B 163 20.37 -0.69 -5.47
N SER B 164 21.11 0.40 -5.59
CA SER B 164 21.05 1.19 -6.80
C SER B 164 22.31 2.03 -6.97
N TRP B 165 22.62 2.34 -8.23
CA TRP B 165 23.77 3.15 -8.53
C TRP B 165 23.37 4.61 -8.32
N GLU B 166 24.27 5.40 -7.72
CA GLU B 166 23.96 6.80 -7.46
C GLU B 166 25.17 7.69 -7.76
N ASP B 167 24.92 8.93 -8.17
CA ASP B 167 25.98 9.87 -8.48
C ASP B 167 26.81 10.13 -7.21
N GLY B 168 28.11 9.86 -7.30
CA GLY B 168 28.99 10.03 -6.16
C GLY B 168 28.98 11.41 -5.55
N ALA B 169 28.89 12.43 -6.39
CA ALA B 169 28.89 13.79 -5.89
C ALA B 169 27.70 13.97 -4.96
N LEU B 170 26.61 13.26 -5.27
CA LEU B 170 25.40 13.35 -4.48
C LEU B 170 25.42 12.61 -3.15
N ILE B 171 25.90 11.36 -3.15
CA ILE B 171 25.91 10.59 -1.91
C ILE B 171 27.03 11.00 -0.99
N SER B 172 28.11 11.55 -1.54
CA SER B 172 29.24 11.97 -0.73
C SER B 172 28.84 13.14 0.18
N LYS B 173 27.94 13.98 -0.31
CA LYS B 173 27.49 15.14 0.45
C LYS B 173 26.91 14.78 1.82
N LYS B 174 26.38 13.57 1.97
CA LYS B 174 25.77 13.19 3.24
C LYS B 174 26.29 11.86 3.82
N PHE B 175 26.82 10.99 2.97
CA PHE B 175 27.30 9.70 3.43
C PHE B 175 28.77 9.48 3.13
N GLN B 176 29.58 10.47 3.48
CA GLN B 176 31.00 10.39 3.24
C GLN B 176 31.61 9.27 4.06
N ALA B 177 31.13 9.10 5.29
CA ALA B 177 31.65 8.06 6.17
C ALA B 177 31.47 6.67 5.59
N CYS B 178 30.39 6.47 4.83
CA CYS B 178 30.13 5.18 4.22
C CYS B 178 31.08 4.85 3.08
N ILE B 179 31.58 5.87 2.39
CA ILE B 179 32.49 5.60 1.29
C ILE B 179 33.89 5.37 1.83
N ASP B 180 34.14 5.82 3.05
CA ASP B 180 35.45 5.64 3.67
C ASP B 180 35.51 4.22 4.20
N GLU B 181 34.50 3.61 5.11
CA GLU B 181 34.34 2.21 5.48
C GLU B 181 34.45 1.30 4.26
N TYR B 182 33.88 1.75 3.14
CA TYR B 182 33.97 1.01 1.89
C TYR B 182 35.42 0.87 1.45
N PHE B 183 36.12 1.99 1.33
CA PHE B 183 37.45 2.01 0.74
C PHE B 183 38.49 1.47 1.71
N SER B 184 38.16 1.47 3.00
CA SER B 184 39.04 0.94 4.03
C SER B 184 39.03 -0.59 4.00
N ARG B 185 38.05 -1.17 3.30
CA ARG B 185 37.96 -2.63 3.18
C ARG B 185 38.50 -3.13 1.85
N LYS B 186 39.05 -2.24 1.04
CA LYS B 186 39.57 -2.63 -0.26
C LYS B 186 41.09 -2.62 -0.26
N GLU C 11 -47.00 14.75 6.73
CA GLU C 11 -46.37 13.75 7.63
C GLU C 11 -45.46 14.44 8.65
N GLU C 12 -44.39 13.75 9.03
CA GLU C 12 -43.42 14.28 9.97
C GLU C 12 -42.10 14.39 9.22
N PHE C 13 -42.18 14.98 8.04
CA PHE C 13 -41.06 15.23 7.13
C PHE C 13 -39.63 15.49 7.61
N GLU C 14 -38.71 14.57 7.28
CA GLU C 14 -37.30 14.73 7.62
C GLU C 14 -36.64 15.88 6.88
N THR C 15 -35.55 16.42 7.41
CA THR C 15 -34.91 17.57 6.77
C THR C 15 -33.41 17.48 6.59
N ILE C 16 -32.95 17.56 5.34
CA ILE C 16 -31.52 17.53 5.06
C ILE C 16 -30.93 18.85 5.49
N GLU C 17 -29.97 18.80 6.41
CA GLU C 17 -29.32 20.01 6.90
C GLU C 17 -28.09 20.36 6.10
N ARG C 18 -27.22 19.38 5.87
CA ARG C 18 -25.98 19.62 5.13
C ARG C 18 -25.45 18.38 4.42
N PHE C 19 -24.79 18.60 3.29
CA PHE C 19 -24.18 17.51 2.52
C PHE C 19 -22.77 17.45 3.05
N MET C 20 -22.37 16.30 3.60
CA MET C 20 -21.04 16.15 4.17
C MET C 20 -19.99 15.53 3.27
N ASP C 21 -20.43 14.62 2.39
CA ASP C 21 -19.51 13.92 1.51
C ASP C 21 -20.28 13.35 0.35
N CYS C 22 -19.55 12.75 -0.58
CA CYS C 22 -20.14 12.15 -1.76
C CYS C 22 -19.33 10.92 -2.17
N ARG C 23 -19.95 9.96 -2.84
CA ARG C 23 -19.21 8.78 -3.26
C ARG C 23 -19.98 7.93 -4.27
N ILE C 24 -19.25 7.08 -4.99
CA ILE C 24 -19.86 6.14 -5.91
C ILE C 24 -19.86 4.87 -5.06
N GLY C 25 -21.05 4.35 -4.76
CA GLY C 25 -21.11 3.16 -3.93
C GLY C 25 -22.05 2.09 -4.45
N ARG C 26 -21.99 0.93 -3.82
CA ARG C 26 -22.84 -0.20 -4.19
C ARG C 26 -24.29 0.22 -4.14
N LYS C 27 -25.02 -0.04 -5.21
CA LYS C 27 -26.44 0.32 -5.29
C LYS C 27 -27.09 -0.42 -4.14
N GLY C 28 -27.83 0.30 -3.30
CA GLY C 28 -28.50 -0.30 -2.17
C GLY C 28 -27.81 -0.05 -0.83
N ALA C 29 -26.59 0.46 -0.90
CA ALA C 29 -25.83 0.75 0.32
C ALA C 29 -26.16 2.15 0.78
N THR C 30 -27.45 2.37 1.06
CA THR C 30 -27.95 3.67 1.52
C THR C 30 -28.99 3.47 2.62
N GLY C 31 -29.37 4.56 3.29
CA GLY C 31 -30.39 4.48 4.32
C GLY C 31 -29.91 4.11 5.70
N ALA C 32 -30.84 3.71 6.57
CA ALA C 32 -30.53 3.33 7.95
C ALA C 32 -29.34 2.37 8.12
N THR C 33 -29.18 1.40 7.21
CA THR C 33 -28.08 0.44 7.29
C THR C 33 -26.70 1.10 7.14
N THR C 34 -26.67 2.38 6.78
CA THR C 34 -25.37 3.01 6.62
C THR C 34 -24.91 3.85 7.81
N THR C 35 -25.75 3.97 8.85
CA THR C 35 -25.36 4.74 10.02
C THR C 35 -24.07 4.16 10.57
N ILE C 36 -23.35 4.93 11.38
CA ILE C 36 -22.13 4.43 11.93
C ILE C 36 -22.42 3.33 12.96
N TYR C 37 -23.54 3.42 13.66
CA TYR C 37 -23.84 2.38 14.64
C TYR C 37 -24.36 1.10 13.98
N ALA C 38 -25.14 1.23 12.92
CA ALA C 38 -25.63 0.04 12.23
C ALA C 38 -24.45 -0.64 11.54
N VAL C 39 -23.50 0.15 11.05
CA VAL C 39 -22.34 -0.42 10.38
C VAL C 39 -21.40 -1.15 11.33
N GLU C 40 -21.27 -0.64 12.55
CA GLU C 40 -20.39 -1.27 13.53
C GLU C 40 -21.07 -2.47 14.17
N ALA C 41 -22.39 -2.57 14.00
CA ALA C 41 -23.13 -3.69 14.58
C ALA C 41 -23.43 -4.80 13.55
N ASP C 42 -23.90 -4.40 12.36
CA ASP C 42 -24.27 -5.34 11.31
C ASP C 42 -23.28 -5.42 10.13
N GLY C 43 -22.27 -4.55 10.10
CA GLY C 43 -21.33 -4.61 9.00
C GLY C 43 -21.66 -3.58 7.93
N ASP C 44 -20.65 -3.14 7.19
CA ASP C 44 -20.84 -2.14 6.15
C ASP C 44 -21.40 -2.72 4.85
N PRO C 45 -22.53 -2.18 4.36
CA PRO C 45 -23.14 -2.67 3.11
C PRO C 45 -22.41 -2.23 1.84
N ASN C 46 -21.37 -1.42 2.01
CA ASN C 46 -20.57 -0.94 0.90
C ASN C 46 -19.24 -1.69 0.88
N ALA C 47 -19.09 -2.61 1.84
CA ALA C 47 -17.90 -3.44 2.01
C ALA C 47 -16.74 -3.21 1.04
N GLY C 48 -16.49 -4.16 0.16
CA GLY C 48 -15.38 -4.02 -0.77
C GLY C 48 -15.71 -3.56 -2.17
N PHE C 49 -16.75 -2.74 -2.28
CA PHE C 49 -17.18 -2.21 -3.57
C PHE C 49 -16.10 -1.52 -4.42
N GLU C 50 -16.45 -1.33 -5.69
CA GLU C 50 -15.65 -0.64 -6.70
C GLU C 50 -16.26 -0.90 -8.08
N LYS C 51 -15.83 -0.15 -9.08
CA LYS C 51 -16.39 -0.28 -10.44
C LYS C 51 -16.54 -1.70 -11.02
N ASN C 52 -15.89 -2.67 -10.38
CA ASN C 52 -15.96 -4.07 -10.79
C ASN C 52 -17.35 -4.65 -10.99
N LYS C 53 -18.34 -4.00 -10.38
CA LYS C 53 -19.72 -4.43 -10.52
C LYS C 53 -20.66 -3.28 -10.22
N GLU C 54 -21.91 -3.43 -10.66
CA GLU C 54 -22.94 -2.44 -10.47
C GLU C 54 -24.27 -3.17 -10.52
N PRO C 55 -25.20 -2.85 -9.60
CA PRO C 55 -25.18 -1.87 -8.52
C PRO C 55 -23.96 -0.96 -8.31
N GLY C 56 -24.09 0.27 -8.79
CA GLY C 56 -23.03 1.26 -8.68
C GLY C 56 -23.65 2.62 -8.88
N GLU C 57 -23.88 3.34 -7.79
CA GLU C 57 -24.50 4.66 -7.86
C GLU C 57 -23.81 5.75 -7.04
N ILE C 58 -24.19 7.00 -7.35
CA ILE C 58 -23.65 8.16 -6.66
C ILE C 58 -24.49 8.36 -5.38
N GLN C 59 -23.80 8.44 -4.24
CA GLN C 59 -24.48 8.60 -2.96
C GLN C 59 -23.88 9.75 -2.17
N TYR C 60 -24.72 10.42 -1.39
CA TYR C 60 -24.28 11.56 -0.61
C TYR C 60 -24.44 11.34 0.88
N LEU C 61 -23.41 11.67 1.65
CA LEU C 61 -23.48 11.53 3.09
C LEU C 61 -24.32 12.70 3.65
N ILE C 62 -25.47 12.38 4.22
CA ILE C 62 -26.34 13.42 4.73
C ILE C 62 -26.42 13.65 6.23
N LYS C 63 -26.24 14.92 6.61
CA LYS C 63 -26.32 15.34 8.00
C LYS C 63 -27.74 15.86 8.20
N TRP C 64 -28.49 15.21 9.08
CA TRP C 64 -29.88 15.59 9.31
C TRP C 64 -30.12 16.66 10.35
N LYS C 65 -31.24 17.35 10.19
CA LYS C 65 -31.65 18.41 11.10
C LYS C 65 -32.24 17.81 12.37
N GLY C 66 -31.63 18.10 13.51
CA GLY C 66 -32.12 17.59 14.78
C GLY C 66 -31.50 16.25 15.18
N TRP C 67 -30.41 15.88 14.52
CA TRP C 67 -29.73 14.62 14.82
C TRP C 67 -28.23 14.76 14.73
N SER C 68 -27.52 14.34 15.79
CA SER C 68 -26.08 14.43 15.82
C SER C 68 -25.47 13.69 14.62
N HIS C 69 -24.14 13.84 14.38
CA HIS C 69 -23.50 13.21 13.24
C HIS C 69 -23.50 11.70 13.17
N ILE C 70 -23.74 11.04 14.33
CA ILE C 70 -23.73 9.57 14.28
C ILE C 70 -24.93 9.05 13.50
N HIS C 71 -25.92 9.91 13.29
CA HIS C 71 -27.13 9.54 12.57
C HIS C 71 -27.04 9.85 11.07
N ASN C 72 -25.88 10.32 10.63
CA ASN C 72 -25.70 10.64 9.23
C ASN C 72 -25.80 9.39 8.39
N THR C 73 -26.52 9.48 7.28
CA THR C 73 -26.68 8.35 6.39
C THR C 73 -26.36 8.67 4.91
N TRP C 74 -25.87 7.67 4.18
CA TRP C 74 -25.60 7.83 2.76
C TRP C 74 -26.94 7.69 2.03
N GLU C 75 -27.19 8.51 1.02
CA GLU C 75 -28.46 8.47 0.29
C GLU C 75 -28.26 8.78 -1.20
N THR C 76 -29.37 8.78 -1.93
CA THR C 76 -29.38 9.08 -3.35
C THR C 76 -30.60 9.95 -3.62
N GLU C 77 -30.60 10.67 -4.75
CA GLU C 77 -31.75 11.49 -5.11
C GLU C 77 -32.97 10.60 -4.99
N GLU C 78 -32.85 9.40 -5.55
CA GLU C 78 -33.95 8.44 -5.53
C GLU C 78 -34.52 8.32 -4.13
N THR C 79 -33.70 7.81 -3.20
CA THR C 79 -34.14 7.62 -1.81
C THR C 79 -34.57 8.92 -1.16
N LEU C 80 -33.83 10.00 -1.43
CA LEU C 80 -34.16 11.31 -0.89
C LEU C 80 -35.59 11.71 -1.25
N LYS C 81 -35.89 11.70 -2.55
CA LYS C 81 -37.22 12.06 -3.04
C LYS C 81 -38.27 11.12 -2.50
N GLN C 82 -37.95 9.83 -2.39
CA GLN C 82 -38.90 8.85 -1.89
C GLN C 82 -39.38 9.20 -0.49
N GLN C 83 -38.46 9.68 0.35
CA GLN C 83 -38.78 10.03 1.72
C GLN C 83 -39.40 11.43 1.86
N ASN C 84 -39.39 12.19 0.77
CA ASN C 84 -39.96 13.53 0.79
C ASN C 84 -39.28 14.43 1.82
N VAL C 85 -37.96 14.37 1.90
CA VAL C 85 -37.21 15.18 2.84
C VAL C 85 -37.29 16.65 2.45
N ARG C 86 -37.29 17.54 3.44
CA ARG C 86 -37.33 18.98 3.19
C ARG C 86 -35.91 19.42 2.92
N GLY C 87 -35.75 20.50 2.17
CA GLY C 87 -34.40 21.00 1.88
C GLY C 87 -33.77 20.50 0.60
N MET C 88 -34.56 19.90 -0.28
CA MET C 88 -34.03 19.38 -1.54
C MET C 88 -33.24 20.42 -2.32
N LYS C 89 -33.48 21.69 -2.01
CA LYS C 89 -32.79 22.79 -2.67
C LYS C 89 -31.28 22.66 -2.58
N LYS C 90 -30.78 22.31 -1.39
CA LYS C 90 -29.34 22.17 -1.23
C LYS C 90 -28.80 20.96 -1.97
N LEU C 91 -29.68 20.12 -2.52
CA LEU C 91 -29.23 18.96 -3.28
C LEU C 91 -28.64 19.45 -4.61
N ASP C 92 -29.47 20.06 -5.46
CA ASP C 92 -28.96 20.55 -6.74
C ASP C 92 -27.99 21.71 -6.53
N ASN C 93 -27.92 22.19 -5.30
CA ASN C 93 -26.99 23.26 -4.97
C ASN C 93 -25.64 22.57 -4.70
N TYR C 94 -25.70 21.32 -4.25
CA TYR C 94 -24.49 20.56 -3.97
C TYR C 94 -23.97 19.97 -5.26
N LYS C 95 -24.90 19.49 -6.08
CA LYS C 95 -24.57 18.96 -7.40
C LYS C 95 -23.67 19.96 -8.09
N LYS C 96 -24.18 21.16 -8.34
CA LYS C 96 -23.39 22.20 -8.99
C LYS C 96 -22.32 22.55 -7.98
#